data_1YUE
#
_entry.id   1YUE
#
_cell.length_a   107.614
_cell.length_b   107.614
_cell.length_c   82.636
_cell.angle_alpha   90
_cell.angle_beta   90
_cell.angle_gamma   120
#
_symmetry.space_group_name_H-M   'P 65'
#
_entity_poly.entity_id   1
_entity_poly.type   'polypeptide(L)'
_entity_poly.pdbx_seq_one_letter_code
;MAKINELLRESTTTNSNSIGRPNLVALTRATTKLIYSDIVATQRTNQPVAAFYGIKYLNPDNEFTFKTGATYAGEAGYVD
REQITELTEESKLTLNKGDLFKYNNIVYKVLEDTPFATIEESDLELALQIAIVLLKVRLFSDAASTSKFESSDSEIADAR
FQINKWQTAVKSRKLKTGITVELAQDLEANGFDAPNFLEDLLATE(MSE)ADEINKDILQSLITVSKRYKVTGITDSGFI
DLSYASAPEAGRSLYR(MSE)VCE(MSE)VSHIQKESTYTATFCVASARAAAILAASGWLKHKPEDDKYLSQNAYGFLAN
GLPLYCDTNSPLDYVIVGVVENIGEKEIVGSIFYAPYTEGLDLDDPEHVGAFKVVVDPESLQPSIGLLVRYALSANPYTV
AKDEKEARIIDGGD(MSE)DK(MSE)AGRSDLSVLLGVKLPKIIIDE
;
_entity_poly.pdbx_strand_id   A
#
# COMPACT_ATOMS: atom_id res chain seq x y z
N ALA A 2 -0.70 -36.58 14.08
CA ALA A 2 -0.63 -36.24 12.62
C ALA A 2 -0.66 -34.74 12.50
N LYS A 3 -0.13 -34.24 11.40
CA LYS A 3 -0.08 -32.81 11.15
C LYS A 3 -1.43 -32.15 11.37
N ILE A 4 -2.46 -32.61 10.67
CA ILE A 4 -3.77 -32.01 10.83
C ILE A 4 -4.20 -31.96 12.30
N ASN A 5 -4.00 -33.07 13.01
CA ASN A 5 -4.39 -33.17 14.40
C ASN A 5 -3.68 -32.17 15.30
N GLU A 6 -2.35 -32.18 15.27
CA GLU A 6 -1.58 -31.25 16.09
C GLU A 6 -2.01 -29.82 15.77
N LEU A 7 -2.42 -29.59 14.52
CA LEU A 7 -2.87 -28.27 14.13
C LEU A 7 -4.17 -27.91 14.80
N LEU A 8 -5.07 -28.88 14.94
CA LEU A 8 -6.38 -28.64 15.57
C LEU A 8 -6.21 -28.40 17.06
N ARG A 9 -5.37 -29.23 17.67
CA ARG A 9 -5.17 -29.11 19.10
C ARG A 9 -4.31 -27.91 19.52
N GLU A 10 -3.48 -27.39 18.61
CA GLU A 10 -2.68 -26.22 18.96
C GLU A 10 -3.59 -25.02 18.78
N SER A 11 -4.37 -25.05 17.72
CA SER A 11 -5.30 -23.97 17.43
C SER A 11 -6.36 -23.77 18.52
N THR A 12 -6.59 -24.79 19.33
CA THR A 12 -7.61 -24.71 20.36
C THR A 12 -7.15 -23.84 21.52
N THR A 13 -5.85 -23.81 21.77
CA THR A 13 -5.34 -23.01 22.86
C THR A 13 -5.17 -21.55 22.49
N THR A 14 -5.47 -20.68 23.45
CA THR A 14 -5.37 -19.25 23.28
C THR A 14 -4.11 -18.81 23.98
N ASN A 15 -3.65 -17.59 23.69
CA ASN A 15 -2.40 -17.09 24.27
C ASN A 15 -1.25 -18.04 24.00
N SER A 16 -0.51 -17.74 22.94
CA SER A 16 0.62 -18.55 22.51
C SER A 16 1.90 -18.25 23.26
N ASN A 17 1.88 -18.40 24.58
CA ASN A 17 3.07 -18.15 25.36
C ASN A 17 3.17 -19.16 26.47
N SER A 18 2.14 -19.99 26.56
CA SER A 18 2.11 -21.04 27.57
C SER A 18 2.79 -22.27 27.01
N ILE A 19 2.32 -22.72 25.85
CA ILE A 19 2.89 -23.89 25.17
C ILE A 19 3.31 -23.49 23.75
N GLY A 20 4.41 -24.10 23.27
CA GLY A 20 4.87 -23.83 21.93
C GLY A 20 3.95 -24.54 20.95
N ARG A 21 3.77 -23.95 19.77
CA ARG A 21 2.88 -24.56 18.77
C ARG A 21 3.52 -24.63 17.37
N PRO A 22 4.55 -25.50 17.21
CA PRO A 22 5.34 -25.78 16.00
C PRO A 22 4.59 -25.84 14.66
N ASN A 23 3.51 -26.61 14.63
CA ASN A 23 2.69 -26.75 13.42
C ASN A 23 2.12 -25.39 13.02
N LEU A 24 1.61 -24.67 14.02
CA LEU A 24 1.02 -23.38 13.77
C LEU A 24 2.07 -22.34 13.40
N VAL A 25 3.21 -22.36 14.07
CA VAL A 25 4.25 -21.39 13.73
C VAL A 25 4.70 -21.59 12.28
N ALA A 26 4.86 -22.87 11.95
CA ALA A 26 5.28 -23.29 10.62
C ALA A 26 4.24 -22.86 9.61
N LEU A 27 2.98 -23.09 9.94
CA LEU A 27 1.90 -22.72 9.05
C LEU A 27 1.78 -21.20 8.95
N THR A 28 2.16 -20.50 10.01
CA THR A 28 2.10 -19.03 9.99
C THR A 28 3.20 -18.53 9.07
N ARG A 29 4.37 -19.14 9.21
CA ARG A 29 5.47 -18.76 8.36
C ARG A 29 5.13 -19.11 6.91
N ALA A 30 4.36 -20.16 6.73
CA ALA A 30 3.97 -20.55 5.38
C ALA A 30 3.04 -19.48 4.80
N THR A 31 2.09 -19.05 5.64
CA THR A 31 1.08 -18.04 5.23
C THR A 31 1.66 -16.65 5.01
N THR A 32 2.51 -16.21 5.93
CA THR A 32 3.04 -14.87 5.81
C THR A 32 3.96 -14.64 4.62
N LYS A 33 4.46 -15.74 4.06
CA LYS A 33 5.32 -15.63 2.89
C LYS A 33 4.50 -15.30 1.64
N LEU A 34 3.22 -15.66 1.64
CA LEU A 34 2.35 -15.42 0.49
C LEU A 34 1.50 -14.16 0.54
N ILE A 35 1.49 -13.48 1.67
CA ILE A 35 0.71 -12.26 1.80
C ILE A 35 1.51 -11.02 1.31
N TYR A 36 0.85 -10.14 0.56
CA TYR A 36 1.45 -8.90 0.04
C TYR A 36 1.55 -7.80 1.10
N SER A 37 2.15 -8.15 2.25
CA SER A 37 2.36 -7.25 3.40
C SER A 37 2.96 -5.91 2.97
N ASP A 38 4.01 -6.01 2.14
CA ASP A 38 4.73 -4.85 1.62
C ASP A 38 3.86 -3.73 1.10
N ILE A 39 2.72 -4.06 0.53
CA ILE A 39 1.88 -3.02 0.01
C ILE A 39 0.81 -2.47 0.95
N VAL A 40 0.99 -2.75 2.24
CA VAL A 40 0.09 -2.23 3.26
C VAL A 40 0.88 -1.77 4.50
N ALA A 41 0.29 -0.87 5.28
CA ALA A 41 0.91 -0.36 6.51
C ALA A 41 0.52 -1.28 7.68
N THR A 42 1.30 -2.35 7.87
CA THR A 42 1.07 -3.35 8.90
C THR A 42 1.37 -2.87 10.30
N GLN A 43 0.50 -3.28 11.21
CA GLN A 43 0.61 -2.98 12.62
C GLN A 43 -0.03 -4.17 13.32
N ARG A 44 0.79 -5.03 13.88
CA ARG A 44 0.29 -6.19 14.58
C ARG A 44 -0.65 -5.68 15.69
N THR A 45 -1.64 -6.50 16.08
CA THR A 45 -2.59 -6.19 17.16
C THR A 45 -2.83 -7.44 17.97
N ASN A 46 -3.15 -7.26 19.24
CA ASN A 46 -3.43 -8.39 20.13
C ASN A 46 -4.79 -8.15 20.80
N GLN A 47 -5.52 -7.18 20.26
CA GLN A 47 -6.83 -6.81 20.78
C GLN A 47 -7.93 -7.10 19.76
N PRO A 48 -9.18 -7.29 20.23
CA PRO A 48 -10.34 -7.56 19.38
C PRO A 48 -10.67 -6.30 18.61
N VAL A 49 -10.04 -5.21 19.04
CA VAL A 49 -10.19 -3.92 18.37
C VAL A 49 -8.75 -3.44 18.17
N ALA A 50 -8.39 -3.20 16.90
CA ALA A 50 -7.04 -2.79 16.56
C ALA A 50 -6.81 -1.29 16.65
N ALA A 51 -5.63 -0.92 17.15
CA ALA A 51 -5.26 0.49 17.28
C ALA A 51 -4.27 0.90 16.18
N PHE A 52 -4.74 1.75 15.28
CA PHE A 52 -3.92 2.20 14.18
C PHE A 52 -3.37 3.61 14.38
N TYR A 53 -2.25 3.89 13.72
CA TYR A 53 -1.60 5.18 13.79
C TYR A 53 -1.05 5.51 12.40
N GLY A 54 -1.34 6.71 11.90
CA GLY A 54 -0.86 7.08 10.58
C GLY A 54 -0.55 8.56 10.53
N ILE A 55 0.45 8.96 9.74
CA ILE A 55 0.81 10.37 9.64
C ILE A 55 0.47 10.90 8.26
N LYS A 56 0.08 12.17 8.17
CA LYS A 56 -0.27 12.77 6.90
C LYS A 56 -0.30 14.30 6.98
N TYR A 57 -0.10 14.98 5.86
CA TYR A 57 -0.15 16.44 5.87
C TYR A 57 -0.93 17.04 4.71
N LEU A 58 -1.00 18.37 4.70
CA LEU A 58 -1.71 19.14 3.68
C LEU A 58 -1.22 20.59 3.65
N ASN A 59 -1.23 21.18 2.46
CA ASN A 59 -0.79 22.57 2.26
C ASN A 59 -1.76 23.55 2.95
N PRO A 60 -1.35 24.13 4.10
CA PRO A 60 -2.15 25.08 4.88
C PRO A 60 -2.17 26.54 4.45
N ASP A 61 -1.97 27.42 5.45
CA ASP A 61 -1.96 28.88 5.29
C ASP A 61 -3.00 29.46 4.32
N ASN A 62 -4.22 29.60 4.83
CA ASN A 62 -5.34 30.16 4.05
C ASN A 62 -6.64 30.10 4.85
N GLU A 82 3.52 38.07 9.00
CA GLU A 82 3.74 37.99 7.56
C GLU A 82 2.86 36.95 6.86
N GLN A 83 2.28 37.36 5.75
CA GLN A 83 1.45 36.47 4.96
C GLN A 83 2.30 36.22 3.71
N ILE A 84 3.13 35.18 3.76
CA ILE A 84 4.01 34.82 2.64
C ILE A 84 3.25 34.66 1.32
N THR A 85 3.71 35.38 0.32
CA THR A 85 3.14 35.39 -1.01
C THR A 85 3.32 34.11 -1.82
N GLU A 86 2.19 33.51 -2.19
CA GLU A 86 2.23 32.29 -2.99
C GLU A 86 2.68 32.75 -4.39
N LEU A 87 3.58 32.00 -5.02
CA LEU A 87 4.12 32.35 -6.34
C LEU A 87 3.23 31.96 -7.54
N THR A 88 2.89 32.95 -8.36
CA THR A 88 2.05 32.76 -9.54
C THR A 88 2.71 33.39 -10.74
N GLU A 89 2.11 33.17 -11.91
CA GLU A 89 2.63 33.71 -13.14
C GLU A 89 2.67 35.24 -13.19
N GLU A 90 1.75 35.90 -12.50
CA GLU A 90 1.72 37.36 -12.47
C GLU A 90 2.14 37.87 -11.10
N SER A 91 2.47 36.93 -10.22
CA SER A 91 2.91 37.22 -8.87
C SER A 91 4.39 37.53 -8.86
N LYS A 92 5.13 36.80 -9.73
CA LYS A 92 6.58 36.94 -9.84
C LYS A 92 7.04 38.27 -10.38
N LEU A 93 6.18 38.93 -11.13
CA LEU A 93 6.56 40.20 -11.69
C LEU A 93 6.58 41.35 -10.66
N THR A 94 5.93 41.17 -9.51
CA THR A 94 5.86 42.22 -8.48
C THR A 94 6.86 42.05 -7.34
N LEU A 95 7.50 40.88 -7.26
CA LEU A 95 8.46 40.59 -6.19
C LEU A 95 9.66 41.50 -6.20
N ASN A 96 10.00 41.99 -5.02
CA ASN A 96 11.12 42.90 -4.88
C ASN A 96 12.14 42.30 -3.91
N LYS A 97 13.29 42.97 -3.79
CA LYS A 97 14.33 42.50 -2.88
C LYS A 97 13.83 42.45 -1.43
N GLY A 98 14.04 41.33 -0.76
CA GLY A 98 13.59 41.22 0.61
C GLY A 98 12.22 40.60 0.77
N ASP A 99 11.48 40.44 -0.32
CA ASP A 99 10.13 39.86 -0.23
C ASP A 99 10.18 38.35 -0.03
N LEU A 100 9.27 37.85 0.79
CA LEU A 100 9.22 36.43 1.04
C LEU A 100 8.14 35.85 0.11
N PHE A 101 8.28 34.61 -0.33
CA PHE A 101 7.29 33.95 -1.19
C PHE A 101 7.42 32.44 -1.09
N LYS A 102 6.39 31.71 -1.46
CA LYS A 102 6.50 30.28 -1.32
C LYS A 102 5.96 29.60 -2.55
N TYR A 103 6.52 28.44 -2.88
CA TYR A 103 6.09 27.60 -4.02
C TYR A 103 6.21 26.10 -3.64
N ASN A 104 5.13 25.34 -3.77
CA ASN A 104 5.17 23.91 -3.45
C ASN A 104 5.57 23.64 -1.99
N ASN A 105 4.99 24.45 -1.10
CA ASN A 105 5.22 24.29 0.32
C ASN A 105 6.55 24.85 0.79
N ILE A 106 7.45 25.14 -0.15
CA ILE A 106 8.76 25.66 0.26
C ILE A 106 8.79 27.18 0.11
N VAL A 107 9.26 27.88 1.15
CA VAL A 107 9.34 29.35 1.12
C VAL A 107 10.74 29.92 0.78
N TYR A 108 10.78 30.86 -0.16
CA TYR A 108 12.04 31.46 -0.57
C TYR A 108 12.19 32.92 -0.18
N LYS A 109 13.37 33.46 -0.43
CA LYS A 109 13.66 34.83 -0.11
C LYS A 109 14.28 35.44 -1.34
N VAL A 110 13.92 36.70 -1.60
CA VAL A 110 14.38 37.43 -2.76
C VAL A 110 15.65 38.17 -2.39
N LEU A 111 16.70 38.00 -3.19
CA LEU A 111 17.96 38.67 -2.91
C LEU A 111 18.18 39.93 -3.72
N GLU A 112 17.49 40.02 -4.85
CA GLU A 112 17.63 41.18 -5.71
C GLU A 112 16.27 41.78 -6.01
N ASP A 113 16.29 43.02 -6.48
CA ASP A 113 15.05 43.71 -6.83
C ASP A 113 14.46 43.10 -8.10
N THR A 114 13.14 42.94 -8.11
CA THR A 114 12.41 42.38 -9.24
C THR A 114 13.19 41.31 -10.02
N PRO A 115 13.20 40.06 -9.52
CA PRO A 115 13.87 38.90 -10.12
C PRO A 115 13.03 38.33 -11.26
N PHE A 116 13.55 37.29 -11.90
CA PHE A 116 12.91 36.62 -13.03
C PHE A 116 12.92 37.48 -14.30
N ALA A 117 13.49 38.67 -14.18
CA ALA A 117 13.58 39.57 -15.31
C ALA A 117 14.52 38.96 -16.33
N THR A 118 15.80 38.95 -16.02
CA THR A 118 16.80 38.38 -16.92
C THR A 118 16.50 36.91 -17.26
N ILE A 119 15.57 36.29 -16.54
CA ILE A 119 15.20 34.91 -16.79
C ILE A 119 14.15 34.79 -17.89
N GLU A 120 14.61 34.33 -19.05
CA GLU A 120 13.79 34.15 -20.24
C GLU A 120 12.80 33.00 -20.12
N GLU A 121 13.13 31.97 -19.35
CA GLU A 121 12.24 30.83 -19.22
C GLU A 121 10.79 31.25 -18.96
N SER A 122 9.86 30.59 -19.64
CA SER A 122 8.43 30.91 -19.49
C SER A 122 7.68 30.00 -18.52
N ASP A 123 8.29 28.87 -18.18
CA ASP A 123 7.68 27.92 -17.25
C ASP A 123 7.97 28.47 -15.86
N LEU A 124 6.94 28.63 -15.05
CA LEU A 124 7.13 29.18 -13.71
C LEU A 124 8.17 28.41 -12.90
N GLU A 125 7.85 27.18 -12.50
CA GLU A 125 8.75 26.32 -11.72
C GLU A 125 10.17 26.34 -12.29
N LEU A 126 10.30 25.93 -13.55
CA LEU A 126 11.60 25.88 -14.21
C LEU A 126 12.34 27.19 -14.01
N ALA A 127 11.63 28.30 -14.20
CA ALA A 127 12.17 29.65 -14.04
C ALA A 127 12.67 29.83 -12.61
N LEU A 128 11.87 29.37 -11.67
CA LEU A 128 12.22 29.48 -10.25
C LEU A 128 13.46 28.62 -9.94
N GLN A 129 13.57 27.47 -10.59
CA GLN A 129 14.71 26.57 -10.37
C GLN A 129 16.02 27.21 -10.86
N ILE A 130 15.99 27.92 -11.99
CA ILE A 130 17.22 28.58 -12.47
C ILE A 130 17.39 29.91 -11.73
N ALA A 131 16.32 30.32 -11.08
CA ALA A 131 16.33 31.54 -10.27
C ALA A 131 17.14 31.25 -9.00
N ILE A 132 17.07 29.98 -8.55
CA ILE A 132 17.81 29.53 -7.38
C ILE A 132 19.30 29.51 -7.72
N VAL A 133 19.65 28.94 -8.87
CA VAL A 133 21.05 28.86 -9.32
C VAL A 133 21.69 30.24 -9.48
N LEU A 134 21.01 31.15 -10.16
CA LEU A 134 21.53 32.51 -10.37
C LEU A 134 21.62 33.35 -9.11
N LEU A 135 21.38 32.74 -7.95
CA LEU A 135 21.38 33.44 -6.66
C LEU A 135 20.36 34.58 -6.60
N LYS A 136 19.39 34.58 -7.49
CA LYS A 136 18.35 35.62 -7.50
C LYS A 136 17.46 35.55 -6.26
N VAL A 137 17.05 34.33 -5.92
CA VAL A 137 16.22 34.06 -4.76
C VAL A 137 17.02 33.04 -3.96
N ARG A 138 16.55 32.69 -2.77
CA ARG A 138 17.20 31.67 -1.94
C ARG A 138 16.16 30.96 -1.07
N LEU A 139 16.41 29.72 -0.68
CA LEU A 139 15.43 29.06 0.17
C LEU A 139 15.51 29.80 1.49
N PHE A 140 14.46 29.69 2.31
CA PHE A 140 14.43 30.41 3.56
C PHE A 140 13.96 29.58 4.76
N SER A 141 14.72 29.66 5.85
CA SER A 141 14.46 28.93 7.11
C SER A 141 15.15 29.70 8.23
N ASP A 142 14.81 30.97 8.35
CA ASP A 142 15.39 31.83 9.37
C ASP A 142 14.42 32.03 10.52
N GLU A 155 10.80 31.88 17.57
CA GLU A 155 10.98 31.05 16.38
C GLU A 155 10.31 29.67 16.56
N ILE A 156 8.99 29.63 16.35
CA ILE A 156 8.19 28.39 16.47
C ILE A 156 7.61 27.96 15.12
N ALA A 157 7.61 26.65 14.86
CA ALA A 157 7.10 26.11 13.59
C ALA A 157 5.85 25.26 13.72
N ASP A 158 4.96 25.40 12.75
CA ASP A 158 3.71 24.64 12.73
C ASP A 158 3.98 23.15 12.59
N ALA A 159 2.91 22.37 12.57
CA ALA A 159 3.06 20.93 12.43
C ALA A 159 3.16 20.63 10.94
N ARG A 160 4.23 19.93 10.55
CA ARG A 160 4.46 19.57 9.16
C ARG A 160 3.78 18.21 8.87
N PHE A 161 3.38 17.51 9.93
CA PHE A 161 2.74 16.19 9.90
C PHE A 161 1.59 16.18 10.93
N GLN A 162 0.92 15.04 11.05
CA GLN A 162 -0.18 14.91 12.01
C GLN A 162 -0.49 13.45 12.30
N ILE A 163 0.03 12.92 13.41
CA ILE A 163 -0.26 11.53 13.76
C ILE A 163 -1.72 11.40 14.13
N ASN A 164 -2.38 10.38 13.61
CA ASN A 164 -3.78 10.14 13.88
C ASN A 164 -3.86 8.76 14.49
N LYS A 165 -4.82 8.55 15.38
CA LYS A 165 -4.99 7.24 16.00
C LYS A 165 -6.48 6.91 15.94
N TRP A 166 -6.80 5.72 15.43
CA TRP A 166 -8.19 5.28 15.34
C TRP A 166 -8.28 3.82 15.69
N GLN A 167 -9.48 3.27 15.53
CA GLN A 167 -9.72 1.87 15.83
C GLN A 167 -10.75 1.25 14.93
N THR A 168 -10.52 -0.01 14.61
CA THR A 168 -11.43 -0.80 13.78
C THR A 168 -11.44 -2.17 14.44
N ALA A 169 -12.56 -2.86 14.26
CA ALA A 169 -12.74 -4.16 14.83
C ALA A 169 -11.94 -5.18 14.02
N VAL A 170 -11.16 -6.05 14.68
CA VAL A 170 -10.44 -7.04 13.89
C VAL A 170 -11.49 -8.07 13.47
N LYS A 171 -11.58 -8.34 12.17
CA LYS A 171 -12.53 -9.32 11.65
C LYS A 171 -12.09 -10.77 11.84
N SER A 172 -13.08 -11.66 11.90
CA SER A 172 -12.83 -13.10 12.04
C SER A 172 -13.41 -13.79 10.81
N ARG A 173 -12.54 -14.11 9.87
CA ARG A 173 -12.91 -14.79 8.64
C ARG A 173 -12.84 -16.28 8.91
N LYS A 174 -13.89 -16.98 8.49
CA LYS A 174 -14.01 -18.43 8.63
C LYS A 174 -14.07 -19.01 7.23
N LEU A 175 -13.11 -19.87 6.91
CA LEU A 175 -13.05 -20.46 5.59
C LEU A 175 -13.29 -21.96 5.63
N LYS A 176 -14.32 -22.40 4.92
CA LYS A 176 -14.62 -23.82 4.86
C LYS A 176 -13.74 -24.42 3.75
N THR A 177 -12.86 -25.35 4.11
CA THR A 177 -11.98 -25.96 3.13
C THR A 177 -12.65 -27.07 2.35
N GLY A 178 -13.68 -27.69 2.93
CA GLY A 178 -14.35 -28.79 2.26
C GLY A 178 -13.58 -30.07 2.47
N ILE A 179 -12.36 -29.92 2.99
CA ILE A 179 -11.48 -31.06 3.25
C ILE A 179 -11.87 -31.72 4.56
N THR A 180 -12.16 -33.01 4.52
CA THR A 180 -12.51 -33.70 5.74
C THR A 180 -11.19 -33.97 6.47
N VAL A 181 -11.24 -34.19 7.79
CA VAL A 181 -10.01 -34.47 8.51
C VAL A 181 -9.49 -35.82 8.11
N GLU A 182 -10.41 -36.65 7.64
CA GLU A 182 -10.12 -38.02 7.19
C GLU A 182 -9.10 -37.99 6.07
N LEU A 183 -9.41 -37.20 5.06
CA LEU A 183 -8.56 -37.02 3.90
C LEU A 183 -7.27 -36.40 4.39
N ALA A 184 -7.39 -35.25 5.04
CA ALA A 184 -6.22 -34.56 5.56
C ALA A 184 -5.33 -35.46 6.42
N GLN A 185 -5.83 -36.64 6.73
CA GLN A 185 -5.09 -37.59 7.54
C GLN A 185 -4.37 -38.62 6.69
N ASP A 186 -5.09 -39.19 5.72
CA ASP A 186 -4.48 -40.17 4.83
C ASP A 186 -3.59 -39.41 3.84
N LEU A 187 -3.82 -38.10 3.75
CA LEU A 187 -3.07 -37.23 2.86
C LEU A 187 -1.63 -37.14 3.30
N GLU A 188 -1.39 -37.31 4.58
CA GLU A 188 -0.01 -37.30 5.05
C GLU A 188 0.66 -38.60 4.58
N ALA A 189 0.02 -39.73 4.92
CA ALA A 189 0.48 -41.08 4.57
C ALA A 189 0.70 -41.20 3.05
N ASN A 190 -0.34 -40.86 2.28
CA ASN A 190 -0.30 -40.90 0.82
C ASN A 190 0.32 -39.62 0.27
N GLY A 191 1.47 -39.23 0.81
CA GLY A 191 2.08 -38.01 0.33
C GLY A 191 3.59 -37.99 0.43
N PHE A 192 4.22 -39.09 0.06
CA PHE A 192 5.68 -39.12 0.12
C PHE A 192 6.28 -38.15 -0.89
N ASP A 193 5.57 -37.96 -2.00
CA ASP A 193 6.03 -37.10 -3.09
C ASP A 193 5.94 -35.61 -2.76
N ALA A 194 5.06 -35.26 -1.84
CA ALA A 194 4.93 -33.87 -1.46
C ALA A 194 4.67 -33.75 0.04
N PRO A 195 5.74 -33.89 0.86
CA PRO A 195 5.65 -33.81 2.32
C PRO A 195 4.64 -32.79 2.89
N ASN A 196 5.02 -31.52 3.09
CA ASN A 196 4.06 -30.59 3.68
C ASN A 196 3.19 -29.79 2.71
N PHE A 197 2.41 -30.55 1.96
CA PHE A 197 1.50 -30.00 1.00
C PHE A 197 0.29 -29.45 1.76
N LEU A 198 -0.09 -30.13 2.84
CA LEU A 198 -1.22 -29.69 3.65
C LEU A 198 -0.99 -28.26 4.08
N GLU A 199 0.22 -28.02 4.59
CA GLU A 199 0.66 -26.70 5.00
C GLU A 199 0.55 -25.68 3.85
N ASP A 200 1.08 -26.06 2.70
CA ASP A 200 1.04 -25.20 1.53
C ASP A 200 -0.38 -24.88 1.08
N LEU A 201 -1.21 -25.91 1.01
CA LEU A 201 -2.61 -25.74 0.62
C LEU A 201 -3.36 -24.69 1.49
N LEU A 202 -3.22 -24.84 2.81
CA LEU A 202 -3.85 -23.95 3.78
C LEU A 202 -3.24 -22.57 3.70
N ALA A 203 -1.93 -22.45 3.95
CA ALA A 203 -1.24 -21.16 3.85
C ALA A 203 -1.73 -20.39 2.62
N THR A 204 -1.88 -21.12 1.52
CA THR A 204 -2.32 -20.58 0.22
C THR A 204 -3.74 -20.04 0.22
N GLU A 205 -4.61 -20.69 0.98
CA GLU A 205 -6.02 -20.31 1.05
C GLU A 205 -6.30 -19.06 1.89
N ALA A 207 -3.79 -16.82 2.61
CA ALA A 207 -3.06 -15.76 1.97
C ALA A 207 -3.93 -15.18 0.88
N ASP A 208 -4.51 -16.03 0.05
CA ASP A 208 -5.32 -15.56 -1.07
C ASP A 208 -6.47 -14.67 -0.65
N GLU A 209 -7.13 -15.08 0.45
CA GLU A 209 -8.27 -14.37 1.03
C GLU A 209 -7.86 -12.96 1.45
N ILE A 210 -6.77 -12.87 2.23
CA ILE A 210 -6.26 -11.57 2.68
C ILE A 210 -5.72 -10.73 1.53
N ASN A 211 -4.98 -11.37 0.61
CA ASN A 211 -4.44 -10.66 -0.54
C ASN A 211 -5.58 -10.14 -1.37
N LYS A 212 -6.72 -10.81 -1.29
CA LYS A 212 -7.91 -10.40 -2.01
C LYS A 212 -8.48 -9.19 -1.32
N ASP A 213 -8.52 -9.24 0.01
CA ASP A 213 -9.05 -8.15 0.78
C ASP A 213 -8.23 -6.89 0.57
N ILE A 214 -6.92 -7.07 0.49
CA ILE A 214 -6.03 -5.95 0.32
C ILE A 214 -6.19 -5.35 -1.06
N LEU A 215 -5.95 -6.15 -2.10
CA LEU A 215 -6.04 -5.63 -3.44
C LEU A 215 -7.39 -4.96 -3.66
N GLN A 216 -8.39 -5.54 -3.06
CA GLN A 216 -9.73 -5.02 -3.19
C GLN A 216 -9.87 -3.66 -2.48
N SER A 217 -9.34 -3.55 -1.27
CA SER A 217 -9.39 -2.29 -0.54
C SER A 217 -8.56 -1.20 -1.24
N LEU A 218 -7.44 -1.58 -1.85
CA LEU A 218 -6.62 -0.57 -2.50
C LEU A 218 -7.30 0.01 -3.73
N ILE A 219 -7.98 -0.85 -4.48
CA ILE A 219 -8.69 -0.41 -5.69
C ILE A 219 -9.85 0.47 -5.30
N THR A 220 -10.46 0.17 -4.16
CA THR A 220 -11.61 0.93 -3.71
C THR A 220 -11.19 2.21 -2.96
N VAL A 221 -10.08 2.14 -2.24
CA VAL A 221 -9.63 3.31 -1.50
C VAL A 221 -8.84 4.31 -2.36
N SER A 222 -7.83 3.83 -3.07
CA SER A 222 -6.99 4.65 -3.94
C SER A 222 -7.75 5.72 -4.72
N LYS A 223 -7.05 6.81 -5.05
CA LYS A 223 -7.63 7.94 -5.79
C LYS A 223 -7.53 7.67 -7.27
N ARG A 224 -7.95 8.64 -8.07
CA ARG A 224 -7.88 8.50 -9.51
C ARG A 224 -6.77 9.43 -10.01
N TYR A 225 -6.59 9.53 -11.32
CA TYR A 225 -5.58 10.42 -11.88
C TYR A 225 -6.31 11.61 -12.54
N LYS A 226 -5.87 12.83 -12.25
CA LYS A 226 -6.53 14.01 -12.78
C LYS A 226 -5.85 14.78 -13.92
N VAL A 227 -5.47 14.09 -15.00
CA VAL A 227 -4.81 14.77 -16.11
C VAL A 227 -5.71 15.31 -17.23
N THR A 228 -6.07 16.60 -17.13
CA THR A 228 -6.90 17.29 -18.11
C THR A 228 -8.20 16.60 -18.53
N GLY A 229 -9.25 16.77 -17.74
CA GLY A 229 -10.54 16.18 -18.06
C GLY A 229 -10.66 14.74 -17.61
N ILE A 230 -10.25 14.49 -16.37
CA ILE A 230 -10.28 13.14 -15.82
C ILE A 230 -9.56 12.22 -16.80
N THR A 231 -8.24 12.44 -16.89
CA THR A 231 -7.34 11.69 -17.75
C THR A 231 -7.69 11.77 -19.24
N ASP A 232 -8.05 12.97 -19.69
CA ASP A 232 -8.42 13.24 -21.08
C ASP A 232 -9.64 12.44 -21.57
N SER A 233 -10.83 12.96 -21.25
CA SER A 233 -12.10 12.33 -21.64
C SER A 233 -12.18 10.84 -21.32
N GLY A 234 -12.17 10.52 -20.02
CA GLY A 234 -12.22 9.12 -19.61
C GLY A 234 -10.83 8.60 -19.32
N PHE A 235 -10.69 7.82 -18.25
CA PHE A 235 -9.42 7.25 -17.80
C PHE A 235 -8.57 6.49 -18.82
N ILE A 236 -7.75 7.27 -19.52
CA ILE A 236 -6.82 6.80 -20.55
C ILE A 236 -7.07 5.44 -21.21
N ASP A 237 -7.27 5.48 -22.54
CA ASP A 237 -7.50 4.26 -23.35
C ASP A 237 -6.23 3.98 -24.16
N LEU A 238 -5.67 2.78 -24.02
CA LEU A 238 -4.45 2.41 -24.75
C LEU A 238 -4.68 1.11 -25.49
N SER A 239 -5.59 1.13 -26.47
CA SER A 239 -5.91 -0.07 -27.23
C SER A 239 -6.10 0.25 -28.71
N TYR A 240 -7.25 0.82 -29.05
CA TYR A 240 -7.56 1.17 -30.43
C TYR A 240 -6.42 2.03 -30.98
N ALA A 241 -6.17 3.14 -30.30
CA ALA A 241 -5.12 4.05 -30.73
C ALA A 241 -3.77 3.56 -30.25
N SER A 242 -3.56 2.25 -30.25
CA SER A 242 -2.27 1.72 -29.80
C SER A 242 -1.84 0.38 -30.35
N ALA A 243 -0.61 0.35 -30.83
CA ALA A 243 -0.01 -0.85 -31.40
C ALA A 243 0.53 -1.74 -30.29
N PRO A 244 0.60 -3.06 -30.53
CA PRO A 244 1.09 -4.06 -29.58
C PRO A 244 2.57 -3.88 -29.27
N GLU A 245 2.92 -2.67 -28.85
CA GLU A 245 4.30 -2.31 -28.53
C GLU A 245 4.85 -2.93 -27.25
N ALA A 246 5.96 -2.37 -26.76
CA ALA A 246 6.59 -2.81 -25.53
C ALA A 246 5.84 -2.20 -24.36
N GLY A 247 4.73 -1.51 -24.68
CA GLY A 247 3.90 -0.87 -23.68
C GLY A 247 4.61 0.29 -23.00
N ARG A 248 5.14 1.20 -23.80
CA ARG A 248 5.86 2.36 -23.26
C ARG A 248 4.83 3.31 -22.66
N SER A 249 3.80 3.59 -23.44
CA SER A 249 2.71 4.47 -23.05
C SER A 249 2.26 4.24 -21.60
N LEU A 250 2.20 2.96 -21.22
CA LEU A 250 1.80 2.56 -19.89
C LEU A 250 2.88 2.92 -18.87
N TYR A 251 4.12 2.53 -19.15
CA TYR A 251 5.25 2.81 -18.24
C TYR A 251 5.41 4.31 -17.98
N ARG A 252 5.25 5.11 -19.03
CA ARG A 252 5.35 6.55 -18.89
C ARG A 252 4.29 7.00 -17.89
N VAL A 254 2.99 5.42 -15.47
CA VAL A 254 3.39 5.01 -14.13
C VAL A 254 4.34 6.01 -13.51
N CYS A 255 5.32 6.48 -14.29
CA CYS A 255 6.31 7.43 -13.79
C CYS A 255 5.68 8.74 -13.35
N GLU A 256 4.73 9.21 -14.14
CA GLU A 256 4.04 10.45 -13.84
C GLU A 256 3.27 10.34 -12.55
N VAL A 258 4.17 8.41 -10.03
CA VAL A 258 5.15 8.36 -8.96
C VAL A 258 5.56 9.79 -8.59
N SER A 259 5.66 10.65 -9.61
CA SER A 259 6.02 12.04 -9.42
C SER A 259 4.88 12.75 -8.71
N HIS A 260 3.70 12.65 -9.31
CA HIS A 260 2.47 13.23 -8.79
C HIS A 260 2.29 12.87 -7.30
N ILE A 261 2.90 11.77 -6.89
CA ILE A 261 2.83 11.32 -5.50
C ILE A 261 3.68 12.23 -4.62
N GLN A 262 4.99 12.27 -4.87
CA GLN A 262 5.85 13.11 -4.08
C GLN A 262 5.52 14.58 -4.31
N LYS A 263 4.83 14.87 -5.41
CA LYS A 263 4.43 16.24 -5.72
C LYS A 263 3.30 16.67 -4.77
N GLU A 264 2.52 15.70 -4.29
CA GLU A 264 1.43 16.02 -3.36
C GLU A 264 1.72 15.51 -1.96
N SER A 265 2.90 14.92 -1.78
CA SER A 265 3.34 14.40 -0.49
C SER A 265 4.73 13.86 -0.65
N THR A 266 5.71 14.53 -0.06
CA THR A 266 7.10 14.11 -0.15
C THR A 266 7.42 12.84 0.64
N TYR A 267 7.24 11.69 -0.03
CA TYR A 267 7.50 10.39 0.58
C TYR A 267 8.12 9.35 -0.34
N THR A 268 7.83 9.45 -1.64
CA THR A 268 8.37 8.54 -2.66
C THR A 268 7.72 7.17 -2.73
N ALA A 269 6.87 6.97 -3.73
CA ALA A 269 6.19 5.69 -3.92
C ALA A 269 7.16 4.53 -3.64
N THR A 270 6.62 3.42 -3.15
CA THR A 270 7.43 2.27 -2.83
C THR A 270 6.97 1.03 -3.59
N PHE A 271 5.74 1.08 -4.11
CA PHE A 271 5.19 -0.06 -4.84
C PHE A 271 4.24 0.31 -5.99
N CYS A 272 3.94 -0.73 -6.76
CA CYS A 272 3.04 -0.67 -7.90
C CYS A 272 2.20 -1.97 -7.95
N VAL A 273 0.97 -1.86 -8.44
CA VAL A 273 0.07 -3.00 -8.57
C VAL A 273 -0.63 -2.85 -9.93
N ALA A 274 -0.66 -3.92 -10.71
CA ALA A 274 -1.30 -3.81 -12.01
C ALA A 274 -2.16 -5.02 -12.29
N SER A 275 -2.78 -5.01 -13.47
CA SER A 275 -3.60 -6.12 -13.90
C SER A 275 -2.70 -7.24 -14.41
N ALA A 276 -3.28 -8.41 -14.67
CA ALA A 276 -2.51 -9.53 -15.17
C ALA A 276 -2.17 -9.23 -16.63
N ARG A 277 -3.04 -8.50 -17.31
CA ARG A 277 -2.79 -8.16 -18.71
C ARG A 277 -1.90 -6.93 -18.75
N ALA A 278 -2.32 -5.92 -18.00
CA ALA A 278 -1.61 -4.65 -17.92
C ALA A 278 -0.19 -4.83 -17.39
N ALA A 279 0.14 -6.04 -16.94
CA ALA A 279 1.47 -6.23 -16.40
C ALA A 279 2.20 -7.48 -16.86
N ALA A 280 1.53 -8.63 -16.78
CA ALA A 280 2.15 -9.90 -17.16
C ALA A 280 2.77 -9.92 -18.56
N ILE A 281 2.38 -8.96 -19.40
CA ILE A 281 2.95 -8.92 -20.75
C ILE A 281 3.09 -7.49 -21.25
N LEU A 282 2.06 -6.68 -21.01
CA LEU A 282 2.08 -5.31 -21.49
C LEU A 282 3.36 -4.60 -21.07
N ALA A 283 3.43 -4.22 -19.79
CA ALA A 283 4.61 -3.54 -19.28
C ALA A 283 5.79 -4.52 -19.36
N ALA A 284 5.47 -5.81 -19.47
CA ALA A 284 6.50 -6.85 -19.57
C ALA A 284 6.99 -6.89 -21.01
N SER A 285 7.66 -5.82 -21.38
CA SER A 285 8.23 -5.66 -22.70
C SER A 285 9.29 -4.57 -22.56
N GLY A 286 10.34 -4.90 -21.82
CA GLY A 286 11.43 -3.98 -21.59
C GLY A 286 11.32 -3.14 -20.34
N TRP A 287 10.10 -2.95 -19.87
CA TRP A 287 9.89 -2.13 -18.68
C TRP A 287 9.57 -2.90 -17.40
N LEU A 288 9.55 -4.22 -17.49
CA LEU A 288 9.29 -5.07 -16.33
C LEU A 288 10.15 -6.31 -16.47
N LYS A 289 10.95 -6.61 -15.46
CA LYS A 289 11.81 -7.77 -15.55
C LYS A 289 11.76 -8.65 -14.30
N HIS A 290 11.22 -9.86 -14.48
CA HIS A 290 11.11 -10.82 -13.39
C HIS A 290 12.49 -10.97 -12.78
N LYS A 291 12.68 -10.32 -11.63
CA LYS A 291 13.96 -10.39 -10.94
C LYS A 291 15.09 -9.84 -11.81
N PRO A 292 15.60 -8.62 -11.52
CA PRO A 292 16.69 -7.98 -12.25
C PRO A 292 18.03 -8.74 -12.10
N GLU A 293 18.40 -9.05 -10.85
CA GLU A 293 19.61 -9.80 -10.57
C GLU A 293 19.34 -10.85 -9.49
N ASP A 294 20.09 -11.95 -9.53
CA ASP A 294 19.94 -13.04 -8.55
C ASP A 294 19.83 -12.43 -7.16
N ASP A 295 18.66 -12.61 -6.53
CA ASP A 295 18.38 -12.07 -5.20
C ASP A 295 18.93 -10.65 -5.03
N LYS A 296 18.41 -9.73 -5.85
CA LYS A 296 18.83 -8.33 -5.83
C LYS A 296 17.85 -7.53 -4.97
N TYR A 297 17.25 -8.20 -3.98
CA TYR A 297 16.29 -7.60 -3.06
C TYR A 297 14.91 -7.35 -3.69
N LEU A 298 14.02 -8.32 -3.51
CA LEU A 298 12.66 -8.27 -4.05
C LEU A 298 11.87 -9.49 -3.53
N SER A 299 10.67 -9.26 -3.00
CA SER A 299 9.86 -10.37 -2.47
C SER A 299 9.30 -11.20 -3.63
N GLN A 300 9.51 -12.51 -3.57
CA GLN A 300 9.02 -13.38 -4.64
C GLN A 300 7.53 -13.25 -4.82
N ASN A 301 6.90 -12.40 -4.01
CA ASN A 301 5.45 -12.14 -4.10
C ASN A 301 5.22 -11.08 -5.16
N ALA A 302 6.29 -10.37 -5.50
CA ALA A 302 6.25 -9.32 -6.50
C ALA A 302 6.44 -9.94 -7.87
N TYR A 303 5.59 -9.58 -8.81
CA TYR A 303 5.71 -10.11 -10.16
C TYR A 303 7.11 -9.85 -10.75
N GLY A 304 7.42 -8.57 -10.95
CA GLY A 304 8.71 -8.20 -11.49
C GLY A 304 9.11 -6.83 -11.01
N PHE A 305 10.40 -6.53 -11.17
CA PHE A 305 10.91 -5.23 -10.78
C PHE A 305 10.71 -4.36 -12.01
N LEU A 306 10.28 -3.11 -11.80
CA LEU A 306 10.06 -2.20 -12.92
C LEU A 306 11.35 -1.54 -13.38
N ALA A 307 11.35 -1.14 -14.65
CA ALA A 307 12.49 -0.46 -15.25
C ALA A 307 12.81 0.72 -14.32
N ASN A 308 11.74 1.29 -13.78
CA ASN A 308 11.83 2.41 -12.85
C ASN A 308 12.47 2.02 -11.53
N GLY A 309 12.24 0.79 -11.09
CA GLY A 309 12.85 0.37 -9.86
C GLY A 309 11.87 -0.12 -8.83
N LEU A 310 10.75 0.58 -8.66
CA LEU A 310 9.76 0.15 -7.68
C LEU A 310 9.13 -1.17 -8.13
N PRO A 311 9.04 -2.14 -7.20
CA PRO A 311 8.48 -3.48 -7.41
C PRO A 311 6.99 -3.44 -7.76
N LEU A 312 6.57 -4.34 -8.64
CA LEU A 312 5.18 -4.41 -9.06
C LEU A 312 4.50 -5.74 -8.71
N TYR A 313 3.35 -5.65 -8.05
CA TYR A 313 2.58 -6.84 -7.68
C TYR A 313 1.47 -7.01 -8.70
N CYS A 314 1.31 -8.25 -9.15
CA CYS A 314 0.30 -8.58 -10.14
C CYS A 314 -1.00 -8.96 -9.46
N ASP A 315 -2.10 -8.39 -9.93
CA ASP A 315 -3.39 -8.69 -9.35
C ASP A 315 -3.88 -10.05 -9.86
N THR A 316 -3.88 -10.21 -11.18
CA THR A 316 -4.28 -11.45 -11.87
C THR A 316 -5.77 -11.77 -11.83
N ASN A 317 -6.37 -11.60 -10.66
CA ASN A 317 -7.78 -11.95 -10.52
C ASN A 317 -8.77 -10.80 -10.59
N SER A 318 -8.29 -9.57 -10.67
CA SER A 318 -9.24 -8.47 -10.70
C SER A 318 -9.54 -8.03 -12.12
N PRO A 319 -10.84 -7.91 -12.43
CA PRO A 319 -11.44 -7.52 -13.70
C PRO A 319 -11.33 -6.05 -14.03
N LEU A 320 -10.12 -5.51 -14.01
CA LEU A 320 -10.01 -4.09 -14.28
C LEU A 320 -9.04 -3.68 -15.35
N ASP A 321 -7.85 -4.26 -15.32
CA ASP A 321 -6.83 -3.81 -16.25
C ASP A 321 -6.69 -2.36 -15.81
N TYR A 322 -5.95 -2.19 -14.71
CA TYR A 322 -5.69 -0.91 -14.06
C TYR A 322 -4.28 -0.96 -13.48
N VAL A 323 -3.81 0.15 -12.93
CA VAL A 323 -2.50 0.19 -12.30
C VAL A 323 -2.63 1.11 -11.11
N ILE A 324 -2.00 0.74 -10.00
CA ILE A 324 -2.03 1.54 -8.79
C ILE A 324 -0.61 1.83 -8.31
N VAL A 325 -0.37 3.06 -7.85
CA VAL A 325 0.97 3.45 -7.38
C VAL A 325 0.86 3.92 -5.94
N GLY A 326 1.57 3.27 -5.02
CA GLY A 326 1.47 3.72 -3.65
C GLY A 326 2.76 3.65 -2.90
N VAL A 327 2.70 4.15 -1.66
CA VAL A 327 3.85 4.19 -0.76
C VAL A 327 3.53 3.61 0.62
N VAL A 328 4.44 2.78 1.12
CA VAL A 328 4.29 2.22 2.46
C VAL A 328 5.61 2.56 3.06
N GLU A 329 5.61 3.61 3.87
CA GLU A 329 6.83 4.07 4.51
C GLU A 329 6.67 3.97 6.02
N ASN A 330 7.79 3.98 6.74
CA ASN A 330 7.73 3.94 8.20
C ASN A 330 8.78 4.79 8.89
N ILE A 331 8.52 5.06 10.15
CA ILE A 331 9.39 5.85 11.01
C ILE A 331 9.80 4.86 12.08
N GLY A 332 11.04 4.41 12.05
CA GLY A 332 11.46 3.46 13.05
C GLY A 332 10.94 2.09 12.66
N GLU A 333 10.50 1.29 13.63
CA GLU A 333 10.02 -0.04 13.28
C GLU A 333 8.52 -0.03 12.97
N LYS A 334 7.87 1.12 13.09
CA LYS A 334 6.45 1.20 12.81
C LYS A 334 6.16 1.79 11.43
N GLU A 335 5.28 1.09 10.69
CA GLU A 335 4.84 1.46 9.33
C GLU A 335 3.58 2.33 9.46
N ILE A 336 3.78 3.63 9.64
CA ILE A 336 2.68 4.60 9.82
C ILE A 336 2.21 5.34 8.57
N VAL A 337 2.91 5.15 7.45
CA VAL A 337 2.55 5.82 6.21
C VAL A 337 2.02 4.83 5.17
N GLY A 338 0.70 4.79 5.02
CA GLY A 338 0.10 3.89 4.06
C GLY A 338 -1.32 4.23 3.67
N SER A 339 -1.74 3.64 2.55
CA SER A 339 -3.07 3.84 2.02
C SER A 339 -3.99 2.93 2.84
N ILE A 340 -3.50 1.72 3.13
CA ILE A 340 -4.26 0.72 3.87
C ILE A 340 -3.45 0.18 5.07
N PHE A 341 -4.10 0.07 6.22
CA PHE A 341 -3.42 -0.45 7.40
C PHE A 341 -3.90 -1.88 7.63
N TYR A 342 -2.93 -2.72 7.93
CA TYR A 342 -3.18 -4.13 8.12
C TYR A 342 -2.84 -4.51 9.54
N ALA A 343 -3.80 -5.12 10.25
CA ALA A 343 -3.53 -5.52 11.62
C ALA A 343 -3.85 -6.98 11.85
N PRO A 344 -2.92 -7.88 11.53
CA PRO A 344 -3.19 -9.31 11.74
C PRO A 344 -3.30 -9.47 13.23
N TYR A 345 -4.12 -10.40 13.71
CA TYR A 345 -4.27 -10.58 15.15
C TYR A 345 -3.17 -11.50 15.66
N THR A 346 -2.75 -11.33 16.90
CA THR A 346 -1.71 -12.19 17.44
C THR A 346 -2.01 -12.64 18.86
N GLU A 347 -1.64 -13.88 19.16
CA GLU A 347 -1.80 -14.45 20.48
C GLU A 347 -0.43 -14.46 21.14
N GLY A 348 0.49 -13.70 20.54
CA GLY A 348 1.84 -13.55 21.06
C GLY A 348 2.90 -14.49 20.54
N LEU A 349 4.15 -14.02 20.61
CA LEU A 349 5.33 -14.76 20.20
C LEU A 349 5.27 -16.18 20.75
N ASP A 350 5.31 -17.18 19.88
CA ASP A 350 5.24 -18.57 20.31
C ASP A 350 6.00 -18.87 21.58
N LEU A 351 7.10 -18.15 21.79
CA LEU A 351 7.93 -18.36 22.97
C LEU A 351 8.22 -19.85 23.11
N ASP A 352 9.12 -20.27 22.24
CA ASP A 352 9.55 -21.64 22.13
C ASP A 352 10.25 -21.43 20.81
N ASP A 353 9.64 -20.55 20.01
CA ASP A 353 10.16 -20.17 18.71
C ASP A 353 9.59 -18.79 18.43
N PRO A 354 10.47 -17.80 18.31
CA PRO A 354 10.09 -16.40 18.04
C PRO A 354 9.14 -16.21 16.86
N GLU A 355 7.84 -16.23 17.13
CA GLU A 355 6.84 -16.04 16.09
C GLU A 355 5.48 -15.69 16.63
N HIS A 356 4.91 -14.62 16.08
CA HIS A 356 3.59 -14.17 16.45
C HIS A 356 2.54 -15.09 15.83
N VAL A 357 2.00 -15.97 16.66
CA VAL A 357 0.98 -16.93 16.28
C VAL A 357 -0.39 -16.48 16.82
N GLY A 358 -1.41 -16.54 15.98
CA GLY A 358 -2.75 -16.13 16.39
C GLY A 358 -3.63 -15.75 15.21
N ALA A 359 -3.03 -15.01 14.28
CA ALA A 359 -3.72 -14.55 13.07
C ALA A 359 -4.32 -15.69 12.24
N PHE A 360 -3.66 -16.84 12.25
CA PHE A 360 -4.11 -18.01 11.49
C PHE A 360 -4.32 -19.19 12.40
N LYS A 361 -5.48 -19.84 12.29
CA LYS A 361 -5.80 -21.03 13.09
C LYS A 361 -6.69 -22.03 12.34
N VAL A 362 -6.52 -23.29 12.70
CA VAL A 362 -7.30 -24.37 12.08
C VAL A 362 -8.32 -24.93 13.07
N VAL A 363 -9.57 -25.00 12.60
CA VAL A 363 -10.64 -25.49 13.43
C VAL A 363 -11.39 -26.59 12.71
N VAL A 364 -12.46 -27.08 13.31
CA VAL A 364 -13.27 -28.11 12.68
C VAL A 364 -14.56 -27.48 12.16
N ASP A 365 -15.01 -27.92 11.00
CA ASP A 365 -16.24 -27.41 10.41
C ASP A 365 -17.38 -28.28 10.96
N PRO A 366 -18.18 -27.72 11.90
CA PRO A 366 -19.31 -28.40 12.53
C PRO A 366 -20.52 -28.65 11.62
N GLU A 367 -20.51 -28.02 10.45
CA GLU A 367 -21.57 -28.20 9.46
C GLU A 367 -21.14 -29.28 8.45
N SER A 368 -21.13 -30.53 8.91
CA SER A 368 -20.75 -31.66 8.06
C SER A 368 -20.89 -32.97 8.81
N LEU A 369 -21.46 -33.99 8.16
CA LEU A 369 -21.61 -35.31 8.80
C LEU A 369 -20.22 -35.90 9.10
N GLN A 370 -19.27 -35.60 8.21
CA GLN A 370 -17.89 -36.02 8.39
C GLN A 370 -17.17 -34.72 8.73
N PRO A 371 -16.46 -34.69 9.87
CA PRO A 371 -15.74 -33.48 10.27
C PRO A 371 -14.75 -32.97 9.21
N SER A 372 -14.99 -31.74 8.75
CA SER A 372 -14.14 -31.11 7.76
C SER A 372 -13.09 -30.20 8.40
N ILE A 373 -12.52 -29.31 7.59
CA ILE A 373 -11.52 -28.38 8.10
C ILE A 373 -11.94 -26.92 7.94
N GLY A 374 -11.71 -26.13 8.98
CA GLY A 374 -12.03 -24.73 8.93
C GLY A 374 -10.78 -23.95 9.28
N LEU A 375 -10.54 -22.87 8.56
CA LEU A 375 -9.39 -22.02 8.84
C LEU A 375 -9.92 -20.74 9.50
N LEU A 376 -9.44 -20.44 10.69
CA LEU A 376 -9.86 -19.19 11.33
C LEU A 376 -8.81 -18.14 10.96
N VAL A 377 -9.28 -17.05 10.35
CA VAL A 377 -8.37 -15.98 9.97
C VAL A 377 -8.83 -14.64 10.58
N ARG A 378 -8.04 -14.17 11.54
CA ARG A 378 -8.32 -12.96 12.28
C ARG A 378 -7.33 -11.83 12.01
N TYR A 379 -7.89 -10.68 11.68
CA TYR A 379 -7.12 -9.48 11.39
C TYR A 379 -7.99 -8.24 11.12
N ALA A 380 -7.47 -7.08 11.45
CA ALA A 380 -8.20 -5.86 11.14
C ALA A 380 -7.60 -5.40 9.79
N LEU A 381 -8.29 -4.51 9.08
CA LEU A 381 -7.82 -4.04 7.78
C LEU A 381 -8.50 -2.72 7.48
N SER A 382 -7.99 -1.63 8.03
CA SER A 382 -8.63 -0.33 7.88
C SER A 382 -7.96 0.65 6.89
N ALA A 383 -8.56 1.83 6.79
CA ALA A 383 -8.06 2.92 5.96
C ALA A 383 -7.91 4.09 6.95
N ASN A 384 -7.27 5.18 6.54
CA ASN A 384 -7.14 6.29 7.48
C ASN A 384 -8.39 7.12 7.45
N PRO A 385 -9.16 7.07 8.55
CA PRO A 385 -10.42 7.80 8.73
C PRO A 385 -10.23 9.25 8.34
N TYR A 386 -9.11 9.79 8.82
CA TYR A 386 -8.77 11.16 8.62
C TYR A 386 -8.38 11.50 7.20
N THR A 387 -8.84 10.70 6.25
CA THR A 387 -8.57 10.99 4.86
C THR A 387 -9.82 11.74 4.40
N VAL A 388 -10.82 11.72 5.28
CA VAL A 388 -12.09 12.38 5.03
C VAL A 388 -12.56 13.18 6.25
N ALA A 389 -12.57 12.54 7.41
CA ALA A 389 -12.99 13.21 8.65
C ALA A 389 -12.06 14.37 8.93
N LYS A 390 -12.58 15.59 8.85
CA LYS A 390 -11.75 16.79 9.09
C LYS A 390 -11.36 17.02 10.55
N ASP A 391 -12.33 16.98 11.46
CA ASP A 391 -12.05 17.19 12.87
C ASP A 391 -11.92 15.86 13.60
N GLU A 392 -11.25 15.90 14.73
CA GLU A 392 -11.05 14.70 15.54
C GLU A 392 -12.38 14.21 16.10
N LYS A 393 -13.37 15.10 16.22
CA LYS A 393 -14.67 14.72 16.76
C LYS A 393 -15.53 14.06 15.70
N GLU A 394 -15.19 14.28 14.44
CA GLU A 394 -15.92 13.71 13.32
C GLU A 394 -15.45 12.28 13.04
N ALA A 395 -14.24 11.97 13.49
CA ALA A 395 -13.63 10.66 13.31
C ALA A 395 -14.34 9.55 14.09
N ARG A 396 -15.08 9.92 15.13
CA ARG A 396 -15.80 8.91 15.91
C ARG A 396 -17.25 8.77 15.46
N ILE A 397 -17.48 9.07 14.19
CA ILE A 397 -18.81 8.95 13.59
C ILE A 397 -18.61 8.11 12.32
N ILE A 398 -17.42 8.23 11.73
CA ILE A 398 -17.09 7.49 10.53
C ILE A 398 -15.96 6.49 10.82
N ASP A 399 -16.06 5.29 10.24
CA ASP A 399 -15.10 4.22 10.46
C ASP A 399 -14.13 4.13 9.28
N GLY A 400 -12.91 3.68 9.56
CA GLY A 400 -11.90 3.54 8.52
C GLY A 400 -12.15 2.30 7.67
N GLY A 401 -12.72 1.27 8.29
CA GLY A 401 -13.05 0.05 7.57
C GLY A 401 -14.36 0.23 6.82
N ASP A 402 -14.97 1.40 6.98
CA ASP A 402 -16.21 1.74 6.30
C ASP A 402 -15.82 1.99 4.86
N ASP A 404 -17.18 2.10 2.36
CA ASP A 404 -18.07 2.94 1.57
C ASP A 404 -17.64 4.41 1.64
N LYS A 405 -17.24 4.86 2.84
CA LYS A 405 -16.83 6.24 3.05
C LYS A 405 -15.42 6.52 2.57
N ALA A 407 -13.94 5.21 0.28
CA ALA A 407 -13.90 5.10 -1.16
C ALA A 407 -13.63 6.42 -1.86
N GLY A 408 -12.44 6.56 -2.43
CA GLY A 408 -12.16 7.79 -3.12
C GLY A 408 -10.94 8.56 -2.69
N ARG A 409 -10.82 8.88 -1.41
CA ARG A 409 -9.66 9.64 -0.96
C ARG A 409 -8.67 8.86 -0.12
N SER A 410 -7.42 8.83 -0.60
CA SER A 410 -6.35 8.13 0.10
C SER A 410 -5.03 8.88 -0.11
N ASP A 411 -4.78 9.30 -1.35
CA ASP A 411 -3.57 10.06 -1.70
C ASP A 411 -2.30 9.22 -1.72
N LEU A 412 -2.11 8.36 -0.71
CA LEU A 412 -0.91 7.52 -0.63
C LEU A 412 -0.90 6.37 -1.62
N SER A 413 -1.91 6.37 -2.50
CA SER A 413 -2.09 5.39 -3.55
C SER A 413 -2.93 6.02 -4.64
N VAL A 414 -2.61 5.68 -5.88
CA VAL A 414 -3.35 6.19 -7.04
C VAL A 414 -3.61 5.08 -8.06
N LEU A 415 -4.85 4.97 -8.49
CA LEU A 415 -5.27 3.95 -9.44
C LEU A 415 -5.52 4.54 -10.82
N LEU A 416 -5.10 3.82 -11.85
CA LEU A 416 -5.32 4.28 -13.21
C LEU A 416 -6.05 3.15 -13.93
N GLY A 417 -7.17 3.48 -14.57
CA GLY A 417 -7.91 2.49 -15.33
C GLY A 417 -7.34 2.37 -16.74
N VAL A 418 -7.25 1.15 -17.27
CA VAL A 418 -6.70 0.91 -18.61
C VAL A 418 -7.60 0.06 -19.53
N LYS A 419 -7.59 0.38 -20.81
CA LYS A 419 -8.39 -0.37 -21.78
C LYS A 419 -7.42 -0.95 -22.80
N LEU A 420 -7.37 -2.26 -22.90
CA LEU A 420 -6.45 -2.90 -23.81
C LEU A 420 -7.16 -3.77 -24.85
N PRO A 421 -6.44 -4.13 -25.94
CA PRO A 421 -6.96 -4.97 -27.05
C PRO A 421 -7.44 -6.36 -26.63
N LYS A 422 -6.92 -7.39 -27.31
CA LYS A 422 -7.29 -8.77 -27.02
C LYS A 422 -6.09 -9.72 -27.18
#